data_4OZ3
#
_entry.id   4OZ3
#
_cell.length_a   99.257
_cell.length_b   99.257
_cell.length_c   97.635
_cell.angle_alpha   90.00
_cell.angle_beta   90.00
_cell.angle_gamma   120.00
#
_symmetry.space_group_name_H-M   'P 63'
#
loop_
_entity.id
_entity.type
_entity.pdbx_description
1 polymer 'Adenylate cyclase type 10'
2 non-polymer 4-phenyl-3-(trifluoromethyl)-1H-pyrazole
3 non-polymer GLYCEROL
4 water water
#
_entity_poly.entity_id   1
_entity_poly.type   'polypeptide(L)'
_entity_poly.pdbx_seq_one_letter_code
;(ACE)MNTPKEEFQDWPIVRIAAHLPDLIVYGHFSPERPFMDYFDGVLMFVDISGFTAMTEKFSSAMYMDRGAEQLVEIL
NYHISAIVEKVLIFGGDILKFAGDALLALWRVERKQLKNIITVVIKCSLEIHGLFETQEWEEGLDIRVKIGLAAGHISML
VFGDETHSHFLVIGQAVDDVRLAQNMAQMNDVILSPNCWQLCDRSMIEIESVPDQRAVKVNFLKPPPNFNFDEFFTKCTT
FMHYYPSGEHKNLLRLA(CME)TLKPDPELEMSLQKYVMESILKQIDNKQLQGYLSELRPVTIVFVNLMFEDQDKAEEIG
PAIQDAYMHITSVLKIFQGQINKVFMFDKGCSFLCVFGFPGEKVPDELTHALECAMDIFDFCSQVHKIQTVSIGVASGIV
FCGIVGHTVRHEYTVIGQKVNLAARMMMYYPGIVTCDSVTYNGSNLPAYFFKELPKKVMKGVADSGPLYQYWGRTEKV
;
_entity_poly.pdbx_strand_id   A
#
# COMPACT_ATOMS: atom_id res chain seq x y z
N MET A 2 8.64 -23.73 -43.87
CA MET A 2 8.99 -24.04 -42.50
C MET A 2 7.82 -23.86 -41.57
N ASN A 3 7.79 -24.65 -40.47
CA ASN A 3 6.77 -24.47 -39.48
C ASN A 3 6.91 -23.12 -38.82
N THR A 4 5.83 -22.66 -38.19
CA THR A 4 5.82 -21.42 -37.43
C THR A 4 5.23 -21.74 -36.07
N PRO A 5 5.96 -22.42 -35.15
CA PRO A 5 5.41 -22.65 -33.81
C PRO A 5 5.14 -21.31 -33.11
N LYS A 6 3.99 -21.20 -32.43
CA LYS A 6 3.61 -19.93 -31.82
C LYS A 6 4.09 -19.83 -30.37
N GLU A 7 3.50 -18.91 -29.58
CA GLU A 7 3.82 -18.54 -28.20
C GLU A 7 5.27 -18.07 -28.03
N GLU A 8 5.42 -16.76 -27.77
CA GLU A 8 6.59 -16.22 -27.10
C GLU A 8 6.64 -16.83 -25.67
N PHE A 9 7.86 -17.14 -25.17
CA PHE A 9 8.02 -17.45 -23.75
C PHE A 9 7.81 -16.12 -23.03
N GLN A 10 6.96 -16.13 -21.98
CA GLN A 10 6.76 -14.93 -21.19
C GLN A 10 6.93 -15.22 -19.69
N ASP A 11 7.62 -16.32 -19.30
CA ASP A 11 7.67 -16.58 -17.85
C ASP A 11 9.05 -16.34 -17.24
N TRP A 12 9.76 -15.37 -17.76
CA TRP A 12 11.13 -15.07 -17.31
C TRP A 12 11.16 -14.48 -15.91
N PRO A 13 12.26 -14.64 -15.14
CA PRO A 13 12.40 -13.93 -13.87
C PRO A 13 12.03 -12.44 -13.97
N ILE A 14 12.50 -11.73 -15.00
CA ILE A 14 12.23 -10.30 -15.02
C ILE A 14 10.70 -10.03 -15.09
N VAL A 15 9.96 -10.88 -15.78
CA VAL A 15 8.48 -10.72 -15.85
C VAL A 15 7.88 -10.97 -14.47
N ARG A 16 8.36 -12.05 -13.79
CA ARG A 16 7.85 -12.37 -12.46
C ARG A 16 8.14 -11.24 -11.48
N ILE A 17 9.33 -10.62 -11.56
CA ILE A 17 9.67 -9.49 -10.72
C ILE A 17 8.71 -8.33 -11.03
N ALA A 18 8.47 -8.05 -12.33
CA ALA A 18 7.62 -6.94 -12.74
C ALA A 18 6.19 -7.04 -12.20
N ALA A 19 5.70 -8.30 -11.95
CA ALA A 19 4.34 -8.43 -11.36
C ALA A 19 4.25 -7.68 -10.02
N HIS A 20 5.38 -7.55 -9.32
CA HIS A 20 5.39 -6.97 -7.97
C HIS A 20 5.50 -5.42 -8.00
N LEU A 21 5.51 -4.84 -9.22
CA LEU A 21 5.80 -3.42 -9.37
C LEU A 21 4.83 -2.74 -10.35
N PRO A 22 4.55 -1.45 -10.12
CA PRO A 22 3.70 -0.71 -11.07
C PRO A 22 4.52 -0.35 -12.30
N ASP A 23 3.82 -0.04 -13.39
CA ASP A 23 4.40 0.52 -14.59
C ASP A 23 5.23 1.79 -14.32
N LEU A 24 4.81 2.57 -13.31
CA LEU A 24 5.52 3.79 -12.91
C LEU A 24 7.00 3.45 -12.67
N ILE A 25 7.25 2.26 -12.08
CA ILE A 25 8.63 1.81 -11.83
C ILE A 25 9.19 0.98 -12.99
N VAL A 26 8.41 -0.03 -13.45
CA VAL A 26 8.89 -0.91 -14.51
C VAL A 26 9.39 -0.14 -15.74
N TYR A 27 8.61 0.88 -16.15
CA TYR A 27 8.97 1.63 -17.34
C TYR A 27 9.56 3.02 -17.00
N GLY A 28 9.93 3.21 -15.74
CA GLY A 28 10.39 4.51 -15.26
C GLY A 28 11.74 4.97 -15.77
N HIS A 29 12.67 4.05 -16.06
CA HIS A 29 14.05 4.48 -16.50
C HIS A 29 14.64 5.74 -15.77
N PHE A 30 14.63 5.79 -14.43
CA PHE A 30 15.21 7.01 -13.84
C PHE A 30 16.61 6.78 -13.25
N SER A 31 17.25 7.87 -12.81
CA SER A 31 18.61 7.89 -12.23
C SER A 31 18.68 6.91 -11.03
N PRO A 32 19.83 6.23 -10.75
CA PRO A 32 19.87 5.34 -9.58
C PRO A 32 20.22 6.13 -8.30
N GLU A 33 20.45 7.46 -8.46
CA GLU A 33 20.62 8.51 -7.44
C GLU A 33 19.46 8.59 -6.46
N ARG A 34 19.80 8.76 -5.17
CA ARG A 34 18.82 8.66 -4.11
C ARG A 34 19.00 9.85 -3.17
N PRO A 35 17.94 10.61 -2.88
CA PRO A 35 16.54 10.41 -3.37
C PRO A 35 16.40 10.85 -4.81
N PHE A 36 15.41 10.29 -5.51
CA PHE A 36 15.07 10.71 -6.87
C PHE A 36 13.63 11.21 -6.77
N MET A 37 13.37 12.36 -7.35
CA MET A 37 12.00 12.86 -7.39
C MET A 37 11.55 13.20 -8.78
N ASP A 38 10.29 12.92 -9.07
CA ASP A 38 9.71 13.30 -10.37
C ASP A 38 8.32 13.85 -10.10
N TYR A 39 7.76 14.57 -11.06
CA TYR A 39 6.52 15.31 -10.85
C TYR A 39 5.69 15.07 -12.09
N PHE A 40 4.39 14.81 -11.91
CA PHE A 40 3.49 14.64 -13.07
C PHE A 40 2.07 14.92 -12.60
N ASP A 41 1.09 14.72 -13.46
CA ASP A 41 -0.31 14.85 -13.10
C ASP A 41 -0.99 13.53 -13.31
N GLY A 42 -2.08 13.32 -12.59
CA GLY A 42 -2.81 12.09 -12.76
C GLY A 42 -4.10 12.04 -11.97
N VAL A 43 -4.82 10.93 -12.16
CA VAL A 43 -6.00 10.61 -11.39
C VAL A 43 -5.64 9.44 -10.48
N LEU A 44 -5.99 9.54 -9.22
CA LEU A 44 -5.69 8.48 -8.23
C LEU A 44 -7.00 7.84 -7.83
N MET A 45 -6.97 6.52 -7.67
CA MET A 45 -8.11 5.78 -7.13
C MET A 45 -7.59 5.05 -5.90
N PHE A 46 -8.23 5.28 -4.77
CA PHE A 46 -7.90 4.53 -3.54
C PHE A 46 -9.08 3.63 -3.23
N VAL A 47 -8.86 2.30 -3.24
CA VAL A 47 -9.92 1.30 -3.03
C VAL A 47 -9.64 0.73 -1.65
N ASP A 48 -10.56 1.02 -0.72
CA ASP A 48 -10.47 0.54 0.65
C ASP A 48 -10.96 -0.91 0.64
N ILE A 49 -10.03 -1.83 0.89
CA ILE A 49 -10.38 -3.26 0.98
C ILE A 49 -10.32 -3.75 2.43
N SER A 50 -10.45 -2.82 3.42
CA SER A 50 -10.67 -3.10 4.87
C SER A 50 -11.61 -4.27 5.11
N GLY A 51 -12.75 -4.26 4.42
CA GLY A 51 -13.79 -5.28 4.55
C GLY A 51 -13.29 -6.67 4.20
N PHE A 52 -12.31 -6.75 3.27
CA PHE A 52 -11.72 -8.04 2.89
C PHE A 52 -10.65 -8.46 3.88
N THR A 53 -9.71 -7.56 4.16
CA THR A 53 -8.56 -7.83 5.03
C THR A 53 -9.02 -8.10 6.48
N ALA A 54 -10.20 -7.58 6.86
CA ALA A 54 -10.82 -7.89 8.17
C ALA A 54 -11.04 -9.40 8.37
N MET A 55 -10.97 -10.20 7.26
CA MET A 55 -11.15 -11.67 7.32
C MET A 55 -10.00 -12.42 8.05
N THR A 56 -8.84 -11.75 8.35
CA THR A 56 -7.72 -12.44 9.03
C THR A 56 -8.16 -13.09 10.34
N GLU A 57 -9.08 -12.45 11.04
CA GLU A 57 -9.34 -12.98 12.37
C GLU A 57 -10.36 -14.16 12.27
N LYS A 58 -11.33 -14.14 11.34
CA LYS A 58 -12.15 -15.35 11.09
C LYS A 58 -11.32 -16.57 10.60
N PHE A 59 -10.26 -16.32 9.77
CA PHE A 59 -9.41 -17.43 9.30
C PHE A 59 -8.43 -17.86 10.36
N SER A 60 -8.36 -17.14 11.48
CA SER A 60 -7.61 -17.63 12.63
C SER A 60 -8.33 -18.76 13.42
N SER A 61 -9.64 -18.94 13.19
CA SER A 61 -10.44 -19.98 13.86
C SER A 61 -9.86 -21.41 13.68
N ALA A 62 -9.95 -22.24 14.74
CA ALA A 62 -9.67 -23.68 14.67
C ALA A 62 -10.50 -24.37 13.58
N MET A 63 -11.63 -23.74 13.19
CA MET A 63 -12.48 -24.32 12.13
C MET A 63 -11.69 -24.49 10.81
N TYR A 64 -10.65 -23.67 10.57
CA TYR A 64 -9.86 -23.74 9.31
C TYR A 64 -8.76 -24.79 9.39
N MET A 65 -8.70 -25.49 10.54
CA MET A 65 -7.84 -26.69 10.63
C MET A 65 -6.41 -26.41 10.17
N ASP A 66 -5.77 -25.38 10.65
CA ASP A 66 -4.35 -25.23 10.18
C ASP A 66 -4.14 -24.85 8.70
N ARG A 67 -5.21 -24.65 7.90
CA ARG A 67 -5.09 -24.05 6.59
C ARG A 67 -5.70 -22.66 6.51
N GLY A 68 -5.78 -21.95 7.65
CA GLY A 68 -6.31 -20.59 7.64
C GLY A 68 -5.59 -19.67 6.66
N ALA A 69 -4.25 -19.69 6.64
CA ALA A 69 -3.50 -18.75 5.79
C ALA A 69 -3.76 -19.07 4.33
N GLU A 70 -3.75 -20.35 4.00
CA GLU A 70 -3.96 -20.79 2.61
C GLU A 70 -5.38 -20.42 2.15
N GLN A 71 -6.38 -20.65 3.01
CA GLN A 71 -7.76 -20.30 2.65
C GLN A 71 -7.87 -18.76 2.53
N LEU A 72 -7.25 -18.04 3.47
CA LEU A 72 -7.37 -16.58 3.42
C LEU A 72 -6.77 -16.01 2.12
N VAL A 73 -5.57 -16.40 1.78
CA VAL A 73 -4.88 -15.91 0.56
C VAL A 73 -5.75 -16.25 -0.65
N GLU A 74 -6.34 -17.47 -0.64
CA GLU A 74 -7.13 -17.87 -1.82
C GLU A 74 -8.39 -16.99 -2.00
N ILE A 75 -9.14 -16.79 -0.95
CA ILE A 75 -10.36 -15.99 -1.05
C ILE A 75 -10.03 -14.49 -1.29
N LEU A 76 -9.02 -13.98 -0.60
CA LEU A 76 -8.62 -12.54 -0.78
C LEU A 76 -8.19 -12.35 -2.23
N ASN A 77 -7.33 -13.23 -2.74
CA ASN A 77 -6.87 -13.10 -4.14
C ASN A 77 -7.98 -13.28 -5.14
N TYR A 78 -8.95 -14.13 -4.82
CA TYR A 78 -10.09 -14.29 -5.73
C TYR A 78 -10.79 -12.91 -5.90
N HIS A 79 -11.10 -12.22 -4.81
CA HIS A 79 -11.85 -10.95 -4.91
C HIS A 79 -10.90 -9.84 -5.36
N ILE A 80 -9.67 -9.78 -4.82
CA ILE A 80 -8.77 -8.68 -5.17
C ILE A 80 -8.37 -8.78 -6.66
N SER A 81 -8.16 -10.02 -7.20
CA SER A 81 -7.87 -10.21 -8.63
C SER A 81 -8.92 -9.53 -9.52
N ALA A 82 -10.20 -9.62 -9.13
CA ALA A 82 -11.28 -9.07 -9.94
C ALA A 82 -11.16 -7.53 -9.93
N ILE A 83 -10.80 -6.92 -8.79
CA ILE A 83 -10.59 -5.45 -8.72
C ILE A 83 -9.39 -5.07 -9.60
N VAL A 84 -8.29 -5.80 -9.45
CA VAL A 84 -7.09 -5.55 -10.26
C VAL A 84 -7.42 -5.62 -11.74
N GLU A 85 -8.14 -6.66 -12.18
CA GLU A 85 -8.45 -6.75 -13.61
C GLU A 85 -9.23 -5.52 -14.06
N LYS A 86 -10.20 -5.09 -13.27
CA LYS A 86 -10.98 -3.88 -13.63
C LYS A 86 -10.08 -2.67 -13.78
N VAL A 87 -9.21 -2.47 -12.80
CA VAL A 87 -8.29 -1.31 -12.89
C VAL A 87 -7.45 -1.40 -14.15
N LEU A 88 -6.83 -2.58 -14.37
CA LEU A 88 -5.95 -2.74 -15.52
C LEU A 88 -6.66 -2.58 -16.85
N ILE A 89 -7.88 -3.15 -17.01
CA ILE A 89 -8.59 -3.07 -18.29
C ILE A 89 -9.01 -1.61 -18.54
N PHE A 90 -9.29 -0.85 -17.44
CA PHE A 90 -9.63 0.58 -17.62
C PHE A 90 -8.38 1.49 -17.80
N GLY A 91 -7.18 0.87 -17.89
CA GLY A 91 -5.97 1.61 -18.19
C GLY A 91 -5.20 2.15 -17.01
N GLY A 92 -5.53 1.70 -15.80
CA GLY A 92 -4.88 2.20 -14.59
C GLY A 92 -3.61 1.41 -14.24
N ASP A 93 -2.79 1.98 -13.40
CA ASP A 93 -1.52 1.38 -12.94
C ASP A 93 -1.68 1.15 -11.46
N ILE A 94 -1.65 -0.12 -11.03
CA ILE A 94 -1.83 -0.37 -9.57
C ILE A 94 -0.48 -0.01 -8.94
N LEU A 95 -0.44 1.05 -8.14
CA LEU A 95 0.83 1.47 -7.51
C LEU A 95 1.28 0.59 -6.37
N LYS A 96 0.36 0.27 -5.47
CA LYS A 96 0.71 -0.44 -4.24
C LYS A 96 -0.52 -1.05 -3.60
N PHE A 97 -0.29 -2.19 -2.92
CA PHE A 97 -1.27 -2.80 -2.04
C PHE A 97 -0.80 -2.56 -0.60
N ALA A 98 -1.75 -2.17 0.23
CA ALA A 98 -1.59 -2.35 1.68
C ALA A 98 -2.64 -3.39 2.16
N GLY A 99 -2.55 -3.80 3.44
CA GLY A 99 -3.53 -4.67 4.09
C GLY A 99 -4.75 -3.92 4.60
N ASP A 100 -5.26 -3.02 3.73
CA ASP A 100 -6.39 -2.14 3.93
C ASP A 100 -6.76 -1.49 2.57
N ALA A 101 -5.81 -1.28 1.61
CA ALA A 101 -6.13 -0.51 0.39
C ALA A 101 -5.27 -0.88 -0.82
N LEU A 102 -5.79 -0.55 -2.00
CA LEU A 102 -5.05 -0.66 -3.26
C LEU A 102 -5.06 0.81 -3.74
N LEU A 103 -3.92 1.33 -4.18
CA LEU A 103 -3.90 2.66 -4.79
C LEU A 103 -3.58 2.51 -6.25
N ALA A 104 -4.39 3.11 -7.13
CA ALA A 104 -4.09 3.02 -8.57
C ALA A 104 -3.94 4.44 -9.14
N LEU A 105 -3.21 4.55 -10.21
CA LEU A 105 -2.89 5.83 -10.86
C LEU A 105 -3.18 5.74 -12.34
N TRP A 106 -3.82 6.79 -12.88
CA TRP A 106 -3.86 7.04 -14.32
C TRP A 106 -3.02 8.30 -14.52
N ARG A 107 -1.80 8.10 -14.99
CA ARG A 107 -0.93 9.25 -15.27
C ARG A 107 -1.24 9.79 -16.67
N VAL A 108 -1.55 11.09 -16.77
CA VAL A 108 -1.83 11.71 -18.08
C VAL A 108 -1.38 13.15 -18.08
N GLU A 109 -1.24 13.76 -19.28
CA GLU A 109 -1.05 15.22 -19.28
C GLU A 109 -2.29 15.94 -18.74
N ARG A 110 -2.10 17.14 -18.12
CA ARG A 110 -3.12 18.00 -17.56
C ARG A 110 -4.38 18.13 -18.40
N LYS A 111 -4.24 18.37 -19.73
CA LYS A 111 -5.38 18.51 -20.65
C LYS A 111 -6.28 17.31 -20.66
N GLN A 112 -5.74 16.15 -20.31
CA GLN A 112 -6.52 14.93 -20.39
C GLN A 112 -7.15 14.55 -19.07
N LEU A 113 -6.83 15.27 -17.98
CA LEU A 113 -7.38 14.92 -16.66
C LEU A 113 -8.91 14.82 -16.69
N LYS A 114 -9.57 15.81 -17.30
CA LYS A 114 -11.01 15.81 -17.40
C LYS A 114 -11.57 14.49 -17.96
N ASN A 115 -11.14 14.07 -19.15
CA ASN A 115 -11.65 12.83 -19.73
C ASN A 115 -11.24 11.57 -18.95
N ILE A 116 -10.00 11.54 -18.45
CA ILE A 116 -9.57 10.39 -17.65
C ILE A 116 -10.38 10.26 -16.33
N ILE A 117 -10.80 11.36 -15.70
CA ILE A 117 -11.68 11.23 -14.53
C ILE A 117 -12.95 10.46 -14.90
N THR A 118 -13.53 10.75 -16.07
CA THR A 118 -14.73 10.01 -16.49
C THR A 118 -14.43 8.49 -16.57
N VAL A 119 -13.32 8.13 -17.19
CA VAL A 119 -12.90 6.72 -17.29
C VAL A 119 -12.78 6.12 -15.87
N VAL A 120 -12.13 6.89 -14.96
CA VAL A 120 -11.87 6.39 -13.59
C VAL A 120 -13.19 6.23 -12.80
N ILE A 121 -14.14 7.14 -13.01
CA ILE A 121 -15.43 7.04 -12.35
C ILE A 121 -16.15 5.80 -12.84
N LYS A 122 -16.14 5.60 -14.16
CA LYS A 122 -16.78 4.39 -14.71
C LYS A 122 -16.15 3.12 -14.11
N CYS A 123 -14.81 3.09 -14.08
CA CYS A 123 -14.10 1.96 -13.49
C CYS A 123 -14.57 1.73 -12.05
N SER A 124 -14.65 2.84 -11.25
CA SER A 124 -15.03 2.80 -9.81
C SER A 124 -16.41 2.17 -9.69
N LEU A 125 -17.36 2.60 -10.54
CA LEU A 125 -18.73 2.04 -10.49
C LEU A 125 -18.75 0.58 -10.83
N GLU A 126 -17.91 0.17 -11.79
CA GLU A 126 -17.85 -1.23 -12.18
C GLU A 126 -17.17 -2.07 -11.10
N ILE A 127 -16.20 -1.51 -10.37
CA ILE A 127 -15.65 -2.19 -9.18
C ILE A 127 -16.75 -2.45 -8.13
N HIS A 128 -17.52 -1.40 -7.76
CA HIS A 128 -18.66 -1.60 -6.85
C HIS A 128 -19.59 -2.70 -7.35
N GLY A 129 -19.80 -2.72 -8.67
CA GLY A 129 -20.64 -3.69 -9.38
C GLY A 129 -20.22 -5.14 -9.16
N LEU A 130 -18.92 -5.38 -8.94
CA LEU A 130 -18.38 -6.72 -8.70
C LEU A 130 -19.01 -7.34 -7.45
N PHE A 131 -19.31 -6.50 -6.46
CA PHE A 131 -19.63 -6.92 -5.10
C PHE A 131 -21.06 -6.65 -4.71
N GLU A 132 -21.89 -6.23 -5.69
CA GLU A 132 -23.30 -5.91 -5.55
C GLU A 132 -24.09 -7.00 -4.81
N THR A 133 -24.05 -8.25 -5.31
CA THR A 133 -24.74 -9.37 -4.65
C THR A 133 -23.71 -10.43 -4.21
N GLN A 134 -22.89 -10.08 -3.18
CA GLN A 134 -21.82 -10.93 -2.63
C GLN A 134 -21.60 -10.73 -1.12
N GLU A 135 -21.41 -11.85 -0.39
CA GLU A 135 -21.09 -11.95 1.04
C GLU A 135 -20.67 -13.39 1.39
N TRP A 136 -19.95 -13.59 2.52
CA TRP A 136 -19.76 -14.92 3.12
C TRP A 136 -20.37 -14.97 4.52
N GLU A 137 -20.99 -16.13 4.88
CA GLU A 137 -21.68 -16.44 6.16
C GLU A 137 -22.58 -15.27 6.66
N GLU A 138 -23.46 -14.76 5.75
CA GLU A 138 -24.31 -13.55 5.89
C GLU A 138 -23.48 -12.26 5.82
N GLY A 139 -22.33 -12.22 6.52
CA GLY A 139 -21.35 -11.14 6.60
C GLY A 139 -21.70 -9.83 5.94
N LEU A 140 -22.26 -8.89 6.73
CA LEU A 140 -22.79 -7.57 6.35
C LEU A 140 -22.20 -7.00 5.06
N ASP A 141 -20.87 -6.74 5.06
CA ASP A 141 -20.19 -6.11 3.93
C ASP A 141 -18.90 -6.82 3.49
N ILE A 142 -18.99 -7.65 2.43
CA ILE A 142 -17.86 -7.81 1.53
C ILE A 142 -18.12 -6.81 0.35
N ARG A 143 -17.78 -5.53 0.63
CA ARG A 143 -17.96 -4.33 -0.21
C ARG A 143 -16.68 -3.46 -0.07
N VAL A 144 -16.53 -2.45 -0.95
CA VAL A 144 -15.41 -1.53 -0.86
C VAL A 144 -15.89 -0.09 -0.81
N LYS A 145 -14.96 0.81 -0.53
CA LYS A 145 -15.19 2.27 -0.55
C LYS A 145 -14.10 2.81 -1.45
N ILE A 146 -14.45 3.80 -2.26
CA ILE A 146 -13.50 4.32 -3.25
C ILE A 146 -13.43 5.83 -3.10
N GLY A 147 -12.20 6.32 -2.97
CA GLY A 147 -11.95 7.74 -3.11
C GLY A 147 -11.16 8.01 -4.38
N LEU A 148 -11.50 9.12 -5.06
CA LEU A 148 -10.77 9.57 -6.27
C LEU A 148 -10.21 10.95 -6.05
N ALA A 149 -9.00 11.19 -6.60
CA ALA A 149 -8.40 12.53 -6.54
C ALA A 149 -7.72 12.77 -7.88
N ALA A 150 -7.43 14.03 -8.19
CA ALA A 150 -6.76 14.34 -9.44
C ALA A 150 -5.94 15.55 -9.23
N GLY A 151 -4.85 15.64 -9.96
CA GLY A 151 -4.00 16.82 -9.84
C GLY A 151 -2.54 16.47 -9.85
N HIS A 152 -1.75 17.34 -9.22
CA HIS A 152 -0.31 17.23 -9.22
C HIS A 152 0.07 16.09 -8.32
N ILE A 153 0.99 15.27 -8.80
CA ILE A 153 1.55 14.12 -8.05
C ILE A 153 3.06 14.18 -8.12
N SER A 154 3.72 13.91 -6.97
CA SER A 154 5.18 13.79 -6.93
C SER A 154 5.52 12.35 -6.60
N MET A 155 6.59 11.85 -7.18
CA MET A 155 7.07 10.50 -6.88
C MET A 155 8.40 10.65 -6.23
N LEU A 156 8.63 9.84 -5.18
CA LEU A 156 9.91 9.83 -4.52
C LEU A 156 10.43 8.39 -4.61
N VAL A 157 11.68 8.20 -5.05
CA VAL A 157 12.32 6.90 -4.95
C VAL A 157 13.50 7.10 -4.00
N PHE A 158 13.61 6.22 -3.02
CA PHE A 158 14.70 6.32 -2.05
C PHE A 158 15.25 4.91 -1.84
N GLY A 159 16.42 4.83 -1.25
CA GLY A 159 17.03 3.52 -1.04
C GLY A 159 18.53 3.59 -1.08
N ASP A 160 19.15 2.43 -1.05
CA ASP A 160 20.62 2.37 -1.07
C ASP A 160 21.06 1.54 -2.27
N GLU A 161 22.27 0.93 -2.20
CA GLU A 161 22.76 0.26 -3.39
C GLU A 161 22.05 -1.07 -3.66
N THR A 162 21.32 -1.61 -2.67
CA THR A 162 20.72 -2.93 -2.81
C THR A 162 19.19 -2.88 -2.78
N HIS A 163 18.57 -1.86 -2.12
CA HIS A 163 17.12 -1.82 -2.00
C HIS A 163 16.59 -0.47 -2.44
N SER A 164 15.41 -0.47 -3.04
CA SER A 164 14.73 0.77 -3.45
C SER A 164 13.28 0.71 -2.97
N HIS A 165 12.71 1.89 -2.69
CA HIS A 165 11.28 2.02 -2.31
C HIS A 165 10.81 3.23 -3.05
N PHE A 166 9.53 3.27 -3.38
CA PHE A 166 8.97 4.49 -3.89
C PHE A 166 7.70 4.87 -3.10
N LEU A 167 7.31 6.13 -3.22
CA LEU A 167 6.12 6.73 -2.63
C LEU A 167 5.61 7.76 -3.59
N VAL A 168 4.29 7.95 -3.62
CA VAL A 168 3.77 9.14 -4.30
C VAL A 168 3.29 10.06 -3.18
N ILE A 169 3.44 11.37 -3.41
CA ILE A 169 3.15 12.37 -2.40
C ILE A 169 2.49 13.58 -3.04
N GLY A 170 1.99 14.49 -2.21
CA GLY A 170 1.43 15.77 -2.66
C GLY A 170 -0.04 15.87 -2.34
N GLN A 171 -0.69 16.98 -2.79
CA GLN A 171 -2.06 17.25 -2.33
C GLN A 171 -3.04 16.20 -2.88
N ALA A 172 -2.90 15.79 -4.15
CA ALA A 172 -3.81 14.77 -4.69
C ALA A 172 -3.71 13.45 -3.90
N VAL A 173 -2.47 13.07 -3.49
CA VAL A 173 -2.27 11.87 -2.67
C VAL A 173 -2.97 12.04 -1.30
N ASP A 174 -2.76 13.16 -0.65
CA ASP A 174 -3.46 13.48 0.62
C ASP A 174 -4.98 13.42 0.39
N ASP A 175 -5.44 14.04 -0.69
CA ASP A 175 -6.87 14.14 -1.07
C ASP A 175 -7.52 12.78 -1.26
N VAL A 176 -6.79 11.85 -1.89
CA VAL A 176 -7.42 10.57 -2.16
C VAL A 176 -7.66 9.81 -0.88
N ARG A 177 -6.76 9.98 0.09
CA ARG A 177 -6.86 9.40 1.43
C ARG A 177 -8.10 10.00 2.12
N LEU A 178 -8.19 11.33 2.13
CA LEU A 178 -9.33 12.07 2.71
C LEU A 178 -10.68 11.67 2.07
N ALA A 179 -10.73 11.55 0.72
CA ALA A 179 -11.93 11.20 -0.04
C ALA A 179 -12.41 9.78 0.34
N GLN A 180 -11.46 8.83 0.39
CA GLN A 180 -11.78 7.44 0.75
C GLN A 180 -12.27 7.36 2.22
N ASN A 181 -11.74 8.15 3.16
CA ASN A 181 -12.24 7.97 4.54
C ASN A 181 -13.57 8.70 4.80
N MET A 182 -14.04 9.54 3.83
CA MET A 182 -15.42 10.08 3.88
C MET A 182 -16.41 9.08 3.34
N ALA A 183 -15.94 8.20 2.43
CA ALA A 183 -16.77 7.19 1.78
C ALA A 183 -17.37 6.23 2.79
N GLN A 184 -18.63 5.88 2.55
CA GLN A 184 -19.27 4.71 3.14
C GLN A 184 -19.09 3.59 2.15
N MET A 185 -19.36 2.34 2.56
CA MET A 185 -19.33 1.20 1.62
C MET A 185 -20.21 1.51 0.43
N ASN A 186 -19.71 1.15 -0.78
CA ASN A 186 -20.35 1.35 -2.08
C ASN A 186 -20.22 2.79 -2.58
N ASP A 187 -19.58 3.69 -1.83
CA ASP A 187 -19.49 5.08 -2.31
C ASP A 187 -18.28 5.28 -3.22
N VAL A 188 -18.44 6.25 -4.14
CA VAL A 188 -17.32 6.85 -4.87
C VAL A 188 -17.30 8.32 -4.47
N ILE A 189 -16.26 8.73 -3.76
CA ILE A 189 -16.08 10.14 -3.33
C ILE A 189 -15.04 10.79 -4.21
N LEU A 190 -15.33 11.97 -4.75
CA LEU A 190 -14.34 12.78 -5.47
C LEU A 190 -13.74 13.85 -4.58
N SER A 191 -12.41 14.00 -4.60
CA SER A 191 -11.74 15.12 -3.95
C SER A 191 -12.28 16.46 -4.48
N PRO A 192 -12.18 17.54 -3.70
CA PRO A 192 -12.58 18.86 -4.23
C PRO A 192 -11.95 19.16 -5.59
N ASN A 193 -10.64 18.94 -5.75
CA ASN A 193 -9.95 19.23 -7.02
C ASN A 193 -10.43 18.32 -8.14
N CYS A 194 -10.67 17.03 -7.82
CA CYS A 194 -11.27 16.09 -8.78
C CYS A 194 -12.60 16.60 -9.27
N TRP A 195 -13.46 16.99 -8.34
CA TRP A 195 -14.77 17.54 -8.72
C TRP A 195 -14.61 18.85 -9.56
N GLN A 196 -13.63 19.70 -9.24
CA GLN A 196 -13.39 20.93 -10.03
C GLN A 196 -12.90 20.61 -11.46
N LEU A 197 -12.16 19.51 -11.63
CA LEU A 197 -11.54 19.21 -12.92
C LEU A 197 -12.40 18.28 -13.77
N CYS A 198 -13.42 17.64 -13.17
CA CYS A 198 -14.17 16.60 -13.88
C CYS A 198 -15.13 17.13 -14.92
N ASP A 199 -15.64 16.21 -15.74
CA ASP A 199 -16.67 16.55 -16.70
C ASP A 199 -18.04 16.49 -16.01
N ARG A 200 -18.52 17.63 -15.54
CA ARG A 200 -19.77 17.67 -14.73
C ARG A 200 -21.03 17.21 -15.48
N SER A 201 -20.99 17.19 -16.84
CA SER A 201 -22.11 16.72 -17.66
C SER A 201 -22.26 15.20 -17.58
N MET A 202 -21.24 14.54 -17.08
CA MET A 202 -21.21 13.10 -17.04
C MET A 202 -21.91 12.60 -15.81
N ILE A 203 -21.95 13.40 -14.75
CA ILE A 203 -22.27 12.86 -13.43
C ILE A 203 -23.29 13.68 -12.69
N GLU A 204 -24.06 12.99 -11.81
CA GLU A 204 -24.84 13.67 -10.76
C GLU A 204 -24.17 13.37 -9.43
N ILE A 205 -23.90 14.44 -8.67
CA ILE A 205 -23.23 14.30 -7.38
C ILE A 205 -24.13 14.77 -6.25
N GLU A 206 -23.71 14.49 -5.02
CA GLU A 206 -24.27 15.18 -3.87
C GLU A 206 -23.16 15.64 -2.95
N SER A 207 -23.49 16.67 -2.14
CA SER A 207 -22.61 17.26 -1.16
C SER A 207 -22.32 16.26 -0.08
N VAL A 208 -21.15 16.41 0.52
CA VAL A 208 -20.72 15.66 1.69
C VAL A 208 -20.69 16.71 2.79
N PRO A 209 -21.51 16.58 3.87
CA PRO A 209 -21.58 17.64 4.88
C PRO A 209 -20.20 18.02 5.43
N ASP A 210 -19.97 19.35 5.62
CA ASP A 210 -18.74 19.94 6.18
C ASP A 210 -17.49 19.62 5.35
N GLN A 211 -17.69 19.29 4.05
CA GLN A 211 -16.64 18.90 3.13
C GLN A 211 -16.91 19.52 1.77
N ARG A 212 -15.82 19.86 1.04
CA ARG A 212 -15.90 20.31 -0.34
C ARG A 212 -15.83 19.12 -1.30
N ALA A 213 -15.45 17.93 -0.77
CA ALA A 213 -15.47 16.68 -1.56
C ALA A 213 -16.92 16.33 -1.88
N VAL A 214 -17.14 15.53 -2.93
CA VAL A 214 -18.50 15.19 -3.37
C VAL A 214 -18.67 13.69 -3.55
N LYS A 215 -19.89 13.20 -3.38
CA LYS A 215 -20.22 11.81 -3.66
C LYS A 215 -20.86 11.68 -5.05
N VAL A 216 -20.40 10.70 -5.86
CA VAL A 216 -21.00 10.41 -7.17
C VAL A 216 -22.27 9.63 -6.90
N ASN A 217 -23.42 10.18 -7.32
CA ASN A 217 -24.67 9.40 -7.25
C ASN A 217 -24.84 8.56 -8.47
N PHE A 218 -24.58 9.13 -9.67
CA PHE A 218 -24.77 8.43 -10.95
C PHE A 218 -23.80 8.99 -11.97
N LEU A 219 -23.37 8.12 -12.87
CA LEU A 219 -22.74 8.48 -14.13
C LEU A 219 -23.87 8.36 -15.15
N LYS A 220 -24.30 9.51 -15.63
CA LYS A 220 -25.41 9.75 -16.56
C LYS A 220 -24.86 10.63 -17.70
N PRO A 221 -24.29 9.91 -18.69
CA PRO A 221 -23.65 10.58 -19.82
C PRO A 221 -24.63 11.28 -20.76
N PRO A 222 -24.16 12.20 -21.64
CA PRO A 222 -25.07 12.74 -22.67
C PRO A 222 -25.71 11.68 -23.58
N PRO A 223 -26.85 12.03 -24.21
CA PRO A 223 -27.53 11.11 -25.12
C PRO A 223 -26.74 10.46 -26.23
N ASN A 224 -25.75 11.14 -26.86
CA ASN A 224 -25.03 10.48 -27.96
C ASN A 224 -23.67 9.88 -27.49
N PHE A 225 -23.50 9.77 -26.19
CA PHE A 225 -22.23 9.30 -25.65
C PHE A 225 -22.10 7.79 -25.82
N ASN A 226 -20.88 7.31 -26.16
CA ASN A 226 -20.64 5.87 -26.29
C ASN A 226 -19.39 5.59 -25.48
N PHE A 227 -19.48 4.92 -24.30
CA PHE A 227 -18.28 4.75 -23.47
C PHE A 227 -17.14 4.08 -24.23
N ASP A 228 -17.43 3.06 -25.05
CA ASP A 228 -16.35 2.31 -25.68
C ASP A 228 -15.58 3.21 -26.66
N GLU A 229 -16.29 4.03 -27.48
CA GLU A 229 -15.62 4.95 -28.38
C GLU A 229 -14.87 6.01 -27.60
N PHE A 230 -15.46 6.50 -26.47
CA PHE A 230 -14.79 7.49 -25.60
C PHE A 230 -13.50 6.88 -25.01
N PHE A 231 -13.59 5.64 -24.52
CA PHE A 231 -12.43 4.99 -23.88
C PHE A 231 -11.33 4.84 -24.96
N THR A 232 -11.69 4.38 -26.17
CA THR A 232 -10.70 4.28 -27.25
C THR A 232 -9.97 5.61 -27.47
N LYS A 233 -10.71 6.71 -27.50
CA LYS A 233 -10.07 8.03 -27.67
C LYS A 233 -9.11 8.27 -26.50
N CYS A 234 -9.54 7.92 -25.28
CA CYS A 234 -8.66 8.11 -24.11
C CYS A 234 -7.39 7.31 -24.18
N THR A 235 -7.40 6.15 -24.84
CA THR A 235 -6.20 5.27 -24.89
C THR A 235 -5.06 5.92 -25.65
N THR A 236 -5.36 6.93 -26.49
CA THR A 236 -4.31 7.70 -27.17
C THR A 236 -3.30 8.23 -26.20
N PHE A 237 -3.77 8.57 -24.99
CA PHE A 237 -2.95 9.17 -23.94
C PHE A 237 -2.42 8.15 -22.95
N MET A 238 -2.70 6.83 -23.18
CA MET A 238 -2.26 5.78 -22.25
C MET A 238 -1.09 5.07 -22.86
N HIS A 239 0.10 5.43 -22.40
CA HIS A 239 1.37 4.99 -23.01
C HIS A 239 1.48 3.48 -23.08
N TYR A 240 1.05 2.77 -22.04
CA TYR A 240 1.37 1.32 -21.94
C TYR A 240 0.12 0.46 -22.05
N TYR A 241 -0.97 1.02 -22.55
CA TYR A 241 -2.20 0.23 -22.65
C TYR A 241 -1.99 -0.95 -23.64
N PRO A 242 -2.18 -2.22 -23.23
CA PRO A 242 -1.92 -3.34 -24.15
C PRO A 242 -2.73 -3.23 -25.41
N SER A 243 -2.07 -3.37 -26.57
CA SER A 243 -2.75 -3.10 -27.84
C SER A 243 -2.15 -3.94 -28.97
N GLY A 244 -2.85 -3.91 -30.12
CA GLY A 244 -2.41 -4.66 -31.30
C GLY A 244 -2.26 -6.14 -30.98
N GLU A 245 -1.08 -6.69 -31.30
CA GLU A 245 -0.79 -8.11 -31.03
C GLU A 245 -0.88 -8.39 -29.54
N HIS A 246 -0.74 -7.36 -28.68
CA HIS A 246 -0.76 -7.62 -27.24
C HIS A 246 -2.04 -7.21 -26.55
N LYS A 247 -3.13 -6.94 -27.34
CA LYS A 247 -4.41 -6.52 -26.75
C LYS A 247 -5.07 -7.60 -25.85
N ASN A 248 -4.59 -8.84 -25.88
CA ASN A 248 -5.12 -9.95 -25.03
C ASN A 248 -4.42 -10.01 -23.64
N LEU A 249 -3.45 -9.12 -23.40
CA LEU A 249 -2.67 -9.16 -22.15
C LEU A 249 -3.19 -8.10 -21.20
N LEU A 250 -3.16 -8.40 -19.90
CA LEU A 250 -3.56 -7.38 -18.93
C LEU A 250 -2.52 -6.31 -18.71
N ARG A 251 -1.24 -6.62 -18.95
CA ARG A 251 -0.13 -5.66 -18.75
C ARG A 251 0.89 -5.86 -19.87
N LEU A 252 1.33 -4.74 -20.40
CA LEU A 252 2.52 -4.69 -21.27
C LEU A 252 3.72 -5.37 -20.53
N ALA A 253 3.77 -5.26 -19.20
CA ALA A 253 4.90 -5.81 -18.44
C ALA A 253 5.02 -7.32 -18.61
N THR A 255 5.22 -8.73 -21.30
CA THR A 255 6.02 -8.91 -22.52
C THR A 255 7.49 -8.54 -22.30
N LEU A 256 7.89 -8.18 -21.03
CA LEU A 256 9.26 -7.80 -20.77
C LEU A 256 10.19 -8.93 -21.16
N LYS A 257 11.30 -8.60 -21.81
CA LYS A 257 12.28 -9.64 -22.09
C LYS A 257 13.49 -9.49 -21.17
N PRO A 258 14.26 -10.57 -20.97
CA PRO A 258 15.50 -10.45 -20.19
C PRO A 258 16.34 -9.24 -20.57
N ASP A 259 16.86 -8.59 -19.53
CA ASP A 259 17.61 -7.35 -19.64
C ASP A 259 18.25 -7.25 -18.27
N PRO A 260 19.50 -7.70 -18.14
CA PRO A 260 20.13 -7.74 -16.80
C PRO A 260 20.21 -6.37 -16.10
N GLU A 261 20.46 -5.27 -16.87
CA GLU A 261 20.55 -3.93 -16.24
C GLU A 261 19.11 -3.58 -15.64
N LEU A 262 18.06 -3.87 -16.41
CA LEU A 262 16.71 -3.57 -15.95
C LEU A 262 16.38 -4.45 -14.78
N GLU A 263 16.67 -5.76 -14.88
CA GLU A 263 16.36 -6.63 -13.75
C GLU A 263 17.13 -6.24 -12.50
N MET A 264 18.40 -5.83 -12.66
CA MET A 264 19.15 -5.37 -11.47
C MET A 264 18.45 -4.23 -10.78
N SER A 265 17.92 -3.27 -11.55
CA SER A 265 17.16 -2.17 -11.00
C SER A 265 15.84 -2.60 -10.33
N LEU A 266 15.05 -3.44 -11.01
CA LEU A 266 13.72 -3.81 -10.49
C LEU A 266 13.80 -4.71 -9.26
N GLN A 267 14.79 -5.62 -9.21
CA GLN A 267 14.83 -6.56 -8.08
C GLN A 267 15.04 -5.83 -6.75
N LYS A 268 15.65 -4.60 -6.78
CA LYS A 268 15.94 -3.85 -5.54
C LYS A 268 14.64 -3.52 -4.77
N TYR A 269 13.47 -3.57 -5.46
CA TYR A 269 12.21 -3.22 -4.82
C TYR A 269 11.51 -4.40 -4.15
N VAL A 270 12.07 -5.58 -4.35
CA VAL A 270 11.40 -6.83 -4.03
C VAL A 270 12.23 -7.56 -2.97
N MET A 271 11.54 -8.05 -1.93
CA MET A 271 12.20 -8.74 -0.83
C MET A 271 12.93 -9.99 -1.31
N GLU A 272 14.09 -10.28 -0.69
CA GLU A 272 14.91 -11.41 -1.13
C GLU A 272 14.12 -12.76 -1.09
N SER A 273 13.22 -12.93 -0.09
CA SER A 273 12.51 -14.24 0.00
C SER A 273 11.55 -14.35 -1.20
N ILE A 274 11.02 -13.21 -1.70
CA ILE A 274 10.20 -13.23 -2.92
C ILE A 274 11.03 -13.59 -4.13
N LEU A 275 12.23 -12.97 -4.22
CA LEU A 275 13.12 -13.29 -5.36
C LEU A 275 13.48 -14.76 -5.32
N LYS A 276 13.62 -15.34 -4.12
CA LYS A 276 13.97 -16.77 -4.02
C LYS A 276 12.88 -17.62 -4.66
N GLN A 277 11.61 -17.27 -4.39
CA GLN A 277 10.49 -17.97 -4.99
C GLN A 277 10.46 -17.73 -6.49
N ILE A 278 10.67 -16.49 -6.91
CA ILE A 278 10.70 -16.18 -8.36
C ILE A 278 11.74 -17.02 -9.10
N ASP A 279 12.86 -17.26 -8.44
CA ASP A 279 13.98 -18.04 -9.00
C ASP A 279 13.76 -19.54 -8.85
N ASN A 280 12.54 -19.94 -8.45
CA ASN A 280 12.23 -21.39 -8.22
C ASN A 280 13.24 -22.06 -7.26
N LYS A 281 13.68 -21.34 -6.22
CA LYS A 281 14.55 -21.86 -5.17
C LYS A 281 13.81 -22.00 -3.86
N GLN A 282 12.49 -21.72 -3.90
CA GLN A 282 11.66 -21.97 -2.72
C GLN A 282 10.26 -22.26 -3.24
N LEU A 283 9.54 -23.08 -2.48
CA LEU A 283 8.18 -23.45 -2.92
C LEU A 283 7.27 -22.23 -3.01
N GLN A 284 6.40 -22.25 -4.02
CA GLN A 284 5.51 -21.13 -4.38
C GLN A 284 4.55 -20.78 -3.29
N GLY A 285 4.26 -21.74 -2.39
CA GLY A 285 3.32 -21.58 -1.27
C GLY A 285 3.95 -21.20 0.06
N TYR A 286 5.30 -21.16 0.14
CA TYR A 286 6.05 -20.98 1.36
C TYR A 286 5.77 -19.65 2.15
N LEU A 287 5.47 -18.59 1.42
CA LEU A 287 5.29 -17.28 2.07
C LEU A 287 3.84 -17.02 2.49
N SER A 288 2.87 -17.95 2.21
CA SER A 288 1.49 -17.72 2.70
C SER A 288 1.46 -18.34 4.09
N GLU A 289 1.37 -17.50 5.13
CA GLU A 289 1.40 -18.10 6.47
C GLU A 289 0.75 -17.20 7.49
N LEU A 290 0.25 -17.81 8.56
CA LEU A 290 -0.15 -17.09 9.76
C LEU A 290 1.05 -17.26 10.69
N ARG A 291 1.73 -16.14 10.99
CA ARG A 291 3.08 -16.15 11.53
C ARG A 291 3.09 -15.19 12.74
N PRO A 292 3.69 -15.55 13.88
CA PRO A 292 3.91 -14.54 14.94
C PRO A 292 5.03 -13.63 14.50
N VAL A 293 4.72 -12.32 14.54
CA VAL A 293 5.73 -11.32 14.20
C VAL A 293 5.63 -10.16 15.20
N THR A 294 6.63 -9.27 15.14
CA THR A 294 6.49 -7.96 15.79
C THR A 294 6.47 -6.90 14.73
N ILE A 295 5.41 -6.10 14.74
CA ILE A 295 5.27 -4.99 13.78
C ILE A 295 5.87 -3.75 14.47
N VAL A 296 6.74 -3.04 13.77
CA VAL A 296 7.26 -1.73 14.21
C VAL A 296 6.86 -0.74 13.15
N PHE A 297 5.86 0.07 13.45
CA PHE A 297 5.27 0.98 12.49
C PHE A 297 5.80 2.37 12.82
N VAL A 298 6.59 2.93 11.88
CA VAL A 298 7.34 4.18 12.09
C VAL A 298 6.62 5.27 11.30
N ASN A 299 6.22 6.35 11.95
CA ASN A 299 5.64 7.48 11.25
C ASN A 299 6.53 8.71 11.38
N LEU A 300 6.84 9.35 10.23
CA LEU A 300 7.69 10.55 10.18
C LEU A 300 6.78 11.67 9.73
N MET A 301 6.64 12.71 10.54
CA MET A 301 5.85 13.90 10.19
C MET A 301 6.74 15.07 9.81
N PHE A 302 6.32 15.84 8.79
CA PHE A 302 7.09 16.97 8.28
C PHE A 302 6.19 18.21 8.36
N GLU A 303 6.80 19.37 8.55
CA GLU A 303 6.14 20.69 8.50
C GLU A 303 5.27 20.76 7.22
N ASP A 304 5.86 20.31 6.08
CA ASP A 304 5.23 20.25 4.78
C ASP A 304 5.04 18.82 4.26
N GLN A 305 3.82 18.51 3.80
CA GLN A 305 3.34 17.19 3.38
C GLN A 305 3.62 16.84 1.91
N ASP A 306 3.75 17.87 1.07
CA ASP A 306 3.64 17.80 -0.38
C ASP A 306 4.93 18.15 -1.09
N LYS A 307 5.74 19.04 -0.48
CA LYS A 307 6.97 19.51 -1.11
C LYS A 307 8.05 18.44 -0.97
N ALA A 308 8.10 17.60 -2.02
CA ALA A 308 9.01 16.48 -2.15
C ALA A 308 10.42 16.94 -2.01
N GLU A 309 10.72 18.18 -2.45
CA GLU A 309 12.08 18.72 -2.39
C GLU A 309 12.67 18.73 -1.00
N GLU A 310 11.87 19.03 0.05
CA GLU A 310 12.37 18.93 1.43
C GLU A 310 12.18 17.55 2.06
N ILE A 311 11.03 16.91 1.81
CA ILE A 311 10.78 15.67 2.52
C ILE A 311 11.64 14.51 1.94
N GLY A 312 11.98 14.58 0.66
CA GLY A 312 12.71 13.52 -0.01
C GLY A 312 14.06 13.23 0.64
N PRO A 313 14.96 14.25 0.79
CA PRO A 313 16.22 14.03 1.52
C PRO A 313 16.04 13.49 2.95
N ALA A 314 15.01 13.99 3.65
CA ALA A 314 14.70 13.62 5.04
C ALA A 314 14.32 12.12 5.10
N ILE A 315 13.45 11.67 4.18
CA ILE A 315 13.05 10.27 4.08
C ILE A 315 14.25 9.39 3.72
N GLN A 316 15.06 9.84 2.72
CA GLN A 316 16.30 9.13 2.40
C GLN A 316 17.20 8.97 3.61
N ASP A 317 17.44 10.04 4.36
CA ASP A 317 18.28 9.97 5.57
C ASP A 317 17.70 9.00 6.61
N ALA A 318 16.39 9.09 6.86
CA ALA A 318 15.71 8.18 7.81
C ALA A 318 15.86 6.74 7.31
N TYR A 319 15.57 6.50 6.04
CA TYR A 319 15.69 5.20 5.41
C TYR A 319 17.08 4.58 5.65
N MET A 320 18.16 5.37 5.43
CA MET A 320 19.53 4.82 5.57
C MET A 320 19.75 4.33 7.00
N HIS A 321 19.21 5.06 7.97
CA HIS A 321 19.29 4.62 9.34
C HIS A 321 18.42 3.45 9.64
N ILE A 322 17.15 3.51 9.26
CA ILE A 322 16.21 2.40 9.49
C ILE A 322 16.77 1.08 8.95
N THR A 323 17.24 1.11 7.70
CA THR A 323 17.72 -0.12 7.08
C THR A 323 18.95 -0.67 7.87
N SER A 324 19.86 0.20 8.35
CA SER A 324 21.01 -0.29 9.14
C SER A 324 20.56 -0.95 10.43
N VAL A 325 19.57 -0.34 11.12
CA VAL A 325 19.02 -0.87 12.36
C VAL A 325 18.27 -2.21 12.11
N LEU A 326 17.40 -2.26 11.10
CA LEU A 326 16.71 -3.51 10.78
C LEU A 326 17.66 -4.63 10.39
N LYS A 327 18.76 -4.31 9.68
CA LYS A 327 19.75 -5.33 9.21
C LYS A 327 20.25 -6.12 10.40
N ILE A 328 20.51 -5.45 11.49
CA ILE A 328 21.15 -6.12 12.61
C ILE A 328 20.23 -7.28 13.10
N PHE A 329 18.88 -7.07 13.07
CA PHE A 329 17.94 -8.06 13.61
C PHE A 329 17.05 -8.71 12.55
N GLN A 330 17.43 -8.59 11.27
CA GLN A 330 16.72 -9.20 10.14
C GLN A 330 15.25 -8.70 10.05
N GLY A 331 15.02 -7.47 10.54
CA GLY A 331 13.76 -6.76 10.29
C GLY A 331 13.67 -6.45 8.82
N GLN A 332 12.46 -6.26 8.32
CA GLN A 332 12.26 -5.92 6.93
C GLN A 332 11.33 -4.75 6.89
N ILE A 333 11.48 -3.89 5.91
CA ILE A 333 10.46 -2.90 5.58
C ILE A 333 9.49 -3.57 4.64
N ASN A 334 8.26 -3.77 5.08
CA ASN A 334 7.24 -4.41 4.22
C ASN A 334 6.57 -3.40 3.29
N LYS A 335 6.33 -2.18 3.74
CA LYS A 335 5.64 -1.13 2.99
C LYS A 335 6.11 0.19 3.50
N VAL A 336 6.13 1.19 2.60
CA VAL A 336 6.23 2.59 2.97
C VAL A 336 5.12 3.28 2.21
N PHE A 337 4.46 4.22 2.85
CA PHE A 337 3.42 5.02 2.21
C PHE A 337 3.20 6.28 2.99
N MET A 338 2.44 7.22 2.37
CA MET A 338 1.94 8.43 3.03
CA MET A 338 1.94 8.43 3.03
C MET A 338 0.63 8.15 3.79
N PHE A 339 0.52 8.65 5.04
CA PHE A 339 -0.73 8.69 5.82
C PHE A 339 -0.81 10.05 6.49
N ASP A 340 -1.84 10.86 6.12
CA ASP A 340 -2.10 12.23 6.57
C ASP A 340 -0.80 13.01 6.89
N LYS A 341 -0.13 13.52 5.83
CA LYS A 341 1.17 14.25 5.82
C LYS A 341 2.39 13.36 6.16
N GLY A 342 2.21 12.29 6.93
CA GLY A 342 3.32 11.53 7.47
C GLY A 342 3.77 10.42 6.55
N CYS A 343 5.06 10.17 6.55
CA CYS A 343 5.63 9.01 5.88
C CYS A 343 5.71 7.84 6.84
N SER A 344 5.10 6.71 6.50
CA SER A 344 5.02 5.56 7.42
C SER A 344 5.76 4.37 6.86
N PHE A 345 6.60 3.75 7.68
CA PHE A 345 7.34 2.53 7.38
C PHE A 345 6.74 1.40 8.19
N LEU A 346 6.20 0.39 7.47
CA LEU A 346 5.71 -0.82 8.12
C LEU A 346 6.85 -1.78 8.18
N CYS A 347 7.49 -1.90 9.36
CA CYS A 347 8.59 -2.81 9.59
C CYS A 347 8.13 -4.04 10.30
N VAL A 348 8.73 -5.18 9.92
CA VAL A 348 8.31 -6.48 10.47
C VAL A 348 9.51 -7.25 10.93
N PHE A 349 9.42 -7.74 12.16
CA PHE A 349 10.43 -8.63 12.78
C PHE A 349 9.78 -10.02 12.90
N GLY A 350 10.51 -11.04 12.48
CA GLY A 350 10.01 -12.40 12.34
C GLY A 350 9.32 -12.77 11.03
N PHE A 351 9.69 -12.15 9.87
CA PHE A 351 9.19 -12.64 8.57
C PHE A 351 9.71 -14.10 8.30
N PRO A 352 9.13 -14.85 7.33
CA PRO A 352 9.62 -16.24 7.08
C PRO A 352 11.11 -16.35 6.85
N GLY A 353 11.73 -17.33 7.51
CA GLY A 353 13.16 -17.57 7.47
C GLY A 353 14.01 -16.48 8.08
N GLU A 354 13.39 -15.59 8.87
CA GLU A 354 14.10 -14.50 9.55
C GLU A 354 13.85 -14.46 11.07
N LYS A 355 13.36 -15.60 11.63
CA LYS A 355 13.15 -15.83 13.06
C LYS A 355 14.34 -15.41 13.90
N VAL A 356 14.07 -14.62 14.95
CA VAL A 356 14.98 -14.18 16.00
C VAL A 356 14.40 -14.74 17.32
N PRO A 357 15.23 -15.20 18.29
CA PRO A 357 14.68 -15.54 19.63
C PRO A 357 14.00 -14.34 20.32
N ASP A 358 14.80 -13.41 20.92
CA ASP A 358 14.36 -12.18 21.65
C ASP A 358 13.84 -11.14 20.65
N GLU A 359 12.91 -11.53 19.79
CA GLU A 359 12.29 -10.59 18.87
C GLU A 359 11.79 -9.29 19.59
N LEU A 360 11.37 -9.40 20.89
CA LEU A 360 10.65 -8.32 21.60
C LEU A 360 11.57 -7.23 22.16
N THR A 361 12.59 -7.59 22.99
CA THR A 361 13.57 -6.62 23.50
C THR A 361 14.27 -5.95 22.30
N HIS A 362 14.70 -6.74 21.33
CA HIS A 362 15.27 -6.26 20.08
C HIS A 362 14.34 -5.33 19.31
N ALA A 363 13.03 -5.66 19.12
CA ALA A 363 12.11 -4.79 18.40
C ALA A 363 12.03 -3.41 19.12
N LEU A 364 11.90 -3.42 20.46
CA LEU A 364 11.83 -2.22 21.28
C LEU A 364 13.09 -1.38 21.16
N GLU A 365 14.26 -2.04 21.29
CA GLU A 365 15.56 -1.37 21.15
C GLU A 365 15.73 -0.81 19.75
N CYS A 366 15.30 -1.55 18.72
CA CYS A 366 15.31 -1.02 17.37
CA CYS A 366 15.30 -1.07 17.34
C CYS A 366 14.43 0.18 17.21
N ALA A 367 13.20 0.09 17.74
CA ALA A 367 12.29 1.23 17.71
C ALA A 367 12.90 2.48 18.34
N MET A 368 13.51 2.33 19.55
CA MET A 368 14.10 3.48 20.22
C MET A 368 15.28 4.06 19.41
N ASP A 369 16.11 3.18 18.84
CA ASP A 369 17.21 3.61 18.01
C ASP A 369 16.70 4.47 16.83
N ILE A 370 15.73 3.92 16.10
CA ILE A 370 15.07 4.63 15.02
C ILE A 370 14.49 5.96 15.47
N PHE A 371 13.75 5.94 16.58
CA PHE A 371 13.11 7.13 17.14
C PHE A 371 14.18 8.21 17.38
N ASP A 372 15.26 7.83 18.08
CA ASP A 372 16.30 8.79 18.48
C ASP A 372 17.01 9.38 17.28
N PHE A 373 17.34 8.52 16.29
CA PHE A 373 18.03 9.00 15.10
C PHE A 373 17.12 9.90 14.27
N CYS A 374 15.91 9.40 13.96
CA CYS A 374 15.04 10.16 13.04
C CYS A 374 14.59 11.46 13.63
N SER A 375 14.50 11.52 14.97
CA SER A 375 14.15 12.77 15.66
C SER A 375 15.19 13.87 15.38
N GLN A 376 16.43 13.50 15.04
CA GLN A 376 17.50 14.49 14.81
C GLN A 376 17.69 14.72 13.31
N VAL A 377 16.86 14.08 12.45
CA VAL A 377 16.96 14.30 11.00
C VAL A 377 16.34 15.65 10.65
N HIS A 378 17.10 16.45 9.88
CA HIS A 378 16.71 17.72 9.32
C HIS A 378 15.34 17.60 8.69
N LYS A 379 14.41 18.48 9.09
CA LYS A 379 13.05 18.60 8.54
C LYS A 379 12.07 17.57 9.08
N ILE A 380 12.54 16.57 9.84
CA ILE A 380 11.56 15.69 10.49
C ILE A 380 11.08 16.36 11.77
N GLN A 381 9.78 16.69 11.81
CA GLN A 381 9.16 17.41 12.92
C GLN A 381 8.85 16.50 14.10
N THR A 382 8.25 15.32 13.83
CA THR A 382 7.77 14.38 14.85
C THR A 382 7.99 12.96 14.35
N VAL A 383 8.48 12.09 15.24
CA VAL A 383 8.61 10.67 14.95
C VAL A 383 7.70 9.98 15.91
N SER A 384 6.96 8.99 15.44
CA SER A 384 6.05 8.24 16.28
C SER A 384 6.19 6.78 15.89
N ILE A 385 6.29 5.87 16.88
CA ILE A 385 6.49 4.46 16.54
C ILE A 385 5.58 3.59 17.35
N GLY A 386 4.81 2.74 16.70
CA GLY A 386 3.94 1.79 17.38
C GLY A 386 4.48 0.37 17.21
N VAL A 387 4.53 -0.37 18.33
CA VAL A 387 5.12 -1.71 18.28
C VAL A 387 4.05 -2.66 18.79
N ALA A 388 3.65 -3.62 17.96
CA ALA A 388 2.59 -4.56 18.38
C ALA A 388 3.02 -5.95 17.96
N SER A 389 2.72 -6.98 18.76
CA SER A 389 3.18 -8.33 18.40
C SER A 389 2.04 -9.33 18.50
N GLY A 390 1.99 -10.23 17.52
CA GLY A 390 0.97 -11.26 17.51
C GLY A 390 0.96 -11.91 16.16
N ILE A 391 -0.10 -12.69 15.93
CA ILE A 391 -0.23 -13.46 14.69
C ILE A 391 -0.75 -12.60 13.60
N VAL A 392 0.00 -12.59 12.45
CA VAL A 392 -0.48 -11.82 11.33
C VAL A 392 -0.49 -12.78 10.12
N PHE A 393 -1.28 -12.46 9.13
CA PHE A 393 -1.27 -13.20 7.86
C PHE A 393 -0.22 -12.52 7.01
N CYS A 394 0.65 -13.34 6.39
CA CYS A 394 1.61 -12.88 5.40
C CYS A 394 1.33 -13.63 4.11
N GLY A 395 1.55 -12.95 3.01
CA GLY A 395 1.34 -13.64 1.76
C GLY A 395 1.39 -12.70 0.58
N ILE A 396 1.56 -13.30 -0.59
CA ILE A 396 1.52 -12.49 -1.82
C ILE A 396 0.05 -12.31 -2.20
N VAL A 397 -0.39 -11.05 -2.17
CA VAL A 397 -1.80 -10.72 -2.41
C VAL A 397 -1.97 -9.95 -3.73
N GLY A 398 -3.00 -10.29 -4.48
CA GLY A 398 -3.35 -9.56 -5.71
C GLY A 398 -3.60 -10.52 -6.84
N HIS A 399 -3.34 -10.07 -8.07
CA HIS A 399 -3.57 -10.85 -9.28
C HIS A 399 -2.25 -11.48 -9.72
N THR A 400 -2.35 -12.64 -10.46
CA THR A 400 -1.13 -13.20 -11.09
C THR A 400 -0.19 -12.12 -11.70
N VAL A 401 -0.79 -11.16 -12.44
CA VAL A 401 0.02 -10.20 -13.17
C VAL A 401 0.39 -8.97 -12.33
N ARG A 402 -0.19 -8.83 -11.12
CA ARG A 402 0.09 -7.64 -10.30
C ARG A 402 -0.30 -7.96 -8.88
N HIS A 403 0.74 -8.17 -8.05
CA HIS A 403 0.57 -8.63 -6.66
C HIS A 403 1.76 -8.24 -5.85
N GLU A 404 1.62 -8.23 -4.52
CA GLU A 404 2.74 -7.82 -3.66
C GLU A 404 2.62 -8.60 -2.38
N TYR A 405 3.78 -8.80 -1.75
CA TYR A 405 3.77 -9.44 -0.45
C TYR A 405 3.20 -8.45 0.58
N THR A 406 2.31 -8.95 1.39
CA THR A 406 1.52 -8.09 2.23
C THR A 406 1.39 -8.75 3.61
N VAL A 407 1.34 -7.91 4.63
CA VAL A 407 1.09 -8.41 5.98
C VAL A 407 -0.21 -7.77 6.44
N ILE A 408 -1.10 -8.57 7.03
CA ILE A 408 -2.48 -8.16 7.34
C ILE A 408 -2.80 -8.72 8.72
N GLY A 409 -3.41 -7.88 9.56
CA GLY A 409 -3.91 -8.43 10.80
C GLY A 409 -4.21 -7.34 11.81
N GLN A 410 -4.97 -7.69 12.81
CA GLN A 410 -5.30 -6.76 13.93
C GLN A 410 -4.06 -6.11 14.50
N LYS A 411 -2.95 -6.86 14.66
CA LYS A 411 -1.72 -6.26 15.24
C LYS A 411 -1.07 -5.24 14.31
N VAL A 412 -1.19 -5.43 12.97
CA VAL A 412 -0.70 -4.40 12.06
C VAL A 412 -1.53 -3.11 12.24
N ASN A 413 -2.87 -3.23 12.25
CA ASN A 413 -3.77 -2.09 12.40
C ASN A 413 -3.48 -1.38 13.76
N LEU A 414 -3.20 -2.18 14.79
CA LEU A 414 -2.99 -1.66 16.16
C LEU A 414 -1.72 -0.82 16.14
N ALA A 415 -0.60 -1.37 15.64
CA ALA A 415 0.65 -0.57 15.58
C ALA A 415 0.45 0.74 14.78
N ALA A 416 -0.30 0.66 13.64
CA ALA A 416 -0.63 1.83 12.83
C ALA A 416 -1.41 2.91 13.61
N ARG A 417 -2.43 2.48 14.35
CA ARG A 417 -3.25 3.39 15.14
C ARG A 417 -2.45 3.97 16.28
N MET A 418 -1.62 3.12 16.95
CA MET A 418 -0.83 3.57 18.12
C MET A 418 0.10 4.69 17.67
N MET A 419 0.73 4.58 16.47
CA MET A 419 1.67 5.65 16.09
C MET A 419 0.91 6.97 15.80
N MET A 420 -0.38 6.89 15.40
CA MET A 420 -1.13 8.10 15.09
C MET A 420 -1.74 8.72 16.34
N TYR A 421 -2.28 7.91 17.22
CA TYR A 421 -2.94 8.32 18.45
C TYR A 421 -2.00 8.67 19.60
N TYR A 422 -0.73 8.15 19.55
CA TYR A 422 0.25 8.49 20.57
C TYR A 422 1.48 9.04 19.84
N PRO A 423 1.34 10.25 19.26
CA PRO A 423 2.42 10.79 18.43
C PRO A 423 3.62 11.17 19.30
N GLY A 424 4.82 11.11 18.70
CA GLY A 424 6.04 11.66 19.31
C GLY A 424 6.73 10.75 20.32
N ILE A 425 6.22 9.52 20.46
CA ILE A 425 6.75 8.58 21.43
C ILE A 425 6.83 7.20 20.79
N VAL A 426 7.54 6.27 21.48
CA VAL A 426 7.55 4.85 21.08
C VAL A 426 6.51 4.18 21.98
N THR A 427 5.52 3.56 21.35
CA THR A 427 4.50 2.80 22.12
C THR A 427 4.58 1.29 21.82
N CYS A 428 4.13 0.48 22.79
CA CYS A 428 4.02 -0.94 22.52
C CYS A 428 2.75 -1.52 23.15
N ASP A 429 2.34 -2.67 22.62
CA ASP A 429 1.17 -3.35 23.18
C ASP A 429 1.55 -4.21 24.41
N SER A 430 0.54 -4.85 24.97
CA SER A 430 0.73 -5.72 26.13
C SER A 430 1.58 -6.96 25.85
N VAL A 431 1.42 -7.55 24.67
CA VAL A 431 2.23 -8.74 24.31
C VAL A 431 3.71 -8.39 24.35
N THR A 432 4.07 -7.24 23.73
CA THR A 432 5.45 -6.79 23.68
C THR A 432 5.98 -6.45 25.05
N TYR A 433 5.19 -5.69 25.83
CA TYR A 433 5.62 -5.24 27.15
C TYR A 433 5.93 -6.48 28.03
N ASN A 434 4.96 -7.39 28.11
CA ASN A 434 5.03 -8.55 29.01
C ASN A 434 6.07 -9.56 28.57
N GLY A 435 6.19 -9.76 27.27
CA GLY A 435 7.13 -10.70 26.71
C GLY A 435 8.58 -10.27 26.84
N SER A 436 8.87 -8.93 26.73
CA SER A 436 10.25 -8.38 26.77
C SER A 436 10.97 -8.80 28.10
N ASN A 437 10.21 -8.96 29.19
CA ASN A 437 10.73 -9.23 30.55
C ASN A 437 11.57 -8.08 31.10
N LEU A 438 11.82 -7.04 30.24
CA LEU A 438 12.58 -5.82 30.56
C LEU A 438 12.02 -5.24 31.82
N PRO A 439 12.82 -4.51 32.64
CA PRO A 439 12.25 -4.01 33.90
C PRO A 439 11.04 -3.12 33.61
N ALA A 440 10.07 -3.10 34.53
CA ALA A 440 8.83 -2.38 34.28
C ALA A 440 9.08 -0.88 34.15
N TYR A 441 10.10 -0.32 34.87
CA TYR A 441 10.44 1.11 34.79
C TYR A 441 11.02 1.55 33.42
N PHE A 442 11.29 0.64 32.52
CA PHE A 442 11.67 1.04 31.13
C PHE A 442 10.40 1.50 30.35
N PHE A 443 9.25 1.43 31.00
CA PHE A 443 8.01 1.72 30.32
C PHE A 443 7.18 2.66 31.13
N LYS A 444 6.19 3.25 30.47
CA LYS A 444 5.16 4.03 31.13
C LYS A 444 3.80 3.48 30.65
N GLU A 445 2.94 3.10 31.60
CA GLU A 445 1.59 2.63 31.24
C GLU A 445 0.77 3.84 30.80
N LEU A 446 0.11 3.72 29.64
CA LEU A 446 -0.53 4.89 29.02
C LEU A 446 -2.04 4.96 29.25
N PRO A 447 -2.61 6.17 29.20
CA PRO A 447 -4.09 6.27 29.17
C PRO A 447 -4.66 5.52 27.97
N LYS A 448 -5.83 4.94 28.16
CA LYS A 448 -6.55 4.20 27.12
C LYS A 448 -7.15 5.21 26.15
N LYS A 449 -6.98 5.00 24.86
CA LYS A 449 -7.56 5.89 23.85
C LYS A 449 -8.50 5.08 22.98
N VAL A 450 -9.62 5.69 22.55
CA VAL A 450 -10.49 4.97 21.63
C VAL A 450 -9.88 5.17 20.25
N MET A 451 -9.45 4.06 19.62
CA MET A 451 -8.78 4.14 18.32
C MET A 451 -9.63 3.50 17.24
N LYS A 452 -9.97 4.30 16.20
CA LYS A 452 -10.78 3.91 15.04
C LYS A 452 -10.26 2.61 14.46
N GLY A 453 -11.08 1.57 14.51
CA GLY A 453 -10.78 0.27 13.91
C GLY A 453 -10.22 -0.76 14.85
N VAL A 454 -9.93 -0.37 16.11
CA VAL A 454 -9.42 -1.33 17.09
C VAL A 454 -10.47 -1.47 18.20
N ALA A 455 -10.86 -2.73 18.45
CA ALA A 455 -11.75 -3.12 19.55
C ALA A 455 -10.88 -3.73 20.64
N ASP A 456 -10.79 -3.01 21.76
CA ASP A 456 -9.92 -3.25 22.92
C ASP A 456 -8.48 -3.60 22.55
N SER A 457 -7.66 -2.55 22.45
CA SER A 457 -6.21 -2.59 22.25
C SER A 457 -5.47 -3.40 23.31
N GLY A 458 -6.05 -3.49 24.53
CA GLY A 458 -5.41 -3.99 25.74
C GLY A 458 -4.63 -2.86 26.40
N PRO A 459 -3.96 -3.05 27.58
CA PRO A 459 -3.12 -1.98 28.10
C PRO A 459 -2.01 -1.62 27.08
N LEU A 460 -1.83 -0.33 26.85
CA LEU A 460 -0.73 0.16 26.03
C LEU A 460 0.33 0.87 26.88
N TYR A 461 1.58 0.86 26.36
CA TYR A 461 2.72 1.36 27.10
C TYR A 461 3.53 2.25 26.22
N GLN A 462 4.21 3.18 26.82
CA GLN A 462 5.27 3.90 26.13
C GLN A 462 6.54 3.18 26.52
N TYR A 463 7.42 2.97 25.56
CA TYR A 463 8.75 2.50 25.88
C TYR A 463 9.55 3.76 26.21
N TRP A 464 9.81 3.96 27.46
CA TRP A 464 10.51 5.16 27.92
C TRP A 464 12.00 5.00 27.70
N GLY A 465 12.47 3.77 27.83
CA GLY A 465 13.88 3.47 27.62
C GLY A 465 14.61 3.21 28.92
N ARG A 466 15.93 3.02 28.80
CA ARG A 466 16.79 2.54 29.90
C ARG A 466 16.96 3.53 31.03
N THR A 467 16.77 4.84 30.79
CA THR A 467 17.13 5.84 31.81
C THR A 467 15.98 6.82 32.04
N GLU A 468 15.95 7.54 33.18
CA GLU A 468 14.92 8.58 33.34
C GLU A 468 15.04 9.61 32.25
N LYS A 469 16.30 9.95 31.89
CA LYS A 469 16.74 10.87 30.85
C LYS A 469 16.47 10.31 29.47
#